data_8CHK
#
_entry.id   8CHK
#
_cell.length_a   44.874
_cell.length_b   53.416
_cell.length_c   124.974
_cell.angle_alpha   90.000
_cell.angle_beta   90.000
_cell.angle_gamma   90.000
#
_symmetry.space_group_name_H-M   'P 21 21 21'
#
loop_
_entity.id
_entity.type
_entity.pdbx_description
1 polymer 'Peptidyl-prolyl cis-trans isomerase FKBP1A'
2 non-polymer (1S,5S,6R)-10-[[3,5-bis(chloranyl)phenyl]sulfonimidoyl]-5-ethenyl-3-(pyridin-2-ylmethyl)-3,10-diazabicyclo[4.3.1]decan-2-one
3 non-polymer '2-(N-MORPHOLINO)-ETHANESULFONIC ACID'
4 water water
#
_entity_poly.entity_id   1
_entity_poly.type   'polypeptide(L)'
_entity_poly.pdbx_seq_one_letter_code
;GVQVETISPGDGRTFPKRGQTVVVHYTGMLEDGKKFDSSRDRNKPFKFMLGKQEVIRGWEEGVAQMSVGQRAKLTISPDY
AYGATGHPGIIPPHATLVFDVELLKLE
;
_entity_poly.pdbx_strand_id   A,B,C
#
# COMPACT_ATOMS: atom_id res chain seq x y z
N GLY A 1 11.23 -1.83 3.27
CA GLY A 1 11.28 -2.28 4.67
C GLY A 1 9.91 -2.76 5.13
N VAL A 2 9.65 -2.55 6.41
CA VAL A 2 8.40 -2.93 7.02
C VAL A 2 7.81 -1.72 7.75
N GLN A 3 6.55 -1.44 7.41
CA GLN A 3 5.76 -0.39 8.05
C GLN A 3 4.80 -1.10 8.99
N VAL A 4 4.70 -0.63 10.24
CA VAL A 4 3.80 -1.20 11.23
C VAL A 4 2.69 -0.20 11.57
N GLU A 5 1.44 -0.54 11.34
CA GLU A 5 0.34 0.36 11.67
C GLU A 5 -0.51 -0.34 12.71
N THR A 6 -0.87 0.37 13.77
CA THR A 6 -1.67 -0.23 14.84
C THR A 6 -3.10 -0.40 14.36
N ILE A 7 -3.68 -1.56 14.67
CA ILE A 7 -5.11 -1.79 14.54
C ILE A 7 -5.77 -1.59 15.88
N SER A 8 -5.22 -2.23 16.93
CA SER A 8 -5.68 -1.98 18.29
C SER A 8 -4.51 -2.16 19.24
N PRO A 9 -4.39 -1.31 20.29
CA PRO A 9 -3.15 -1.26 21.07
C PRO A 9 -2.93 -2.53 21.89
N GLY A 10 -1.67 -2.77 22.23
CA GLY A 10 -1.29 -3.81 23.17
C GLY A 10 -1.12 -3.23 24.57
N ASP A 11 -0.33 -3.92 25.42
CA ASP A 11 -0.24 -3.59 26.83
C ASP A 11 0.69 -2.39 26.99
N GLY A 12 1.43 -2.06 25.94
CA GLY A 12 2.33 -0.92 25.94
C GLY A 12 3.48 -1.04 26.95
N ARG A 13 3.85 -2.27 27.33
CA ARG A 13 4.87 -2.53 28.37
C ARG A 13 5.83 -3.62 27.86
N THR A 14 5.26 -4.66 27.24
CA THR A 14 5.98 -5.92 27.01
C THR A 14 6.14 -6.15 25.52
N PHE A 15 7.39 -6.16 25.05
CA PHE A 15 7.71 -6.38 23.65
C PHE A 15 8.46 -7.71 23.50
N PRO A 16 8.44 -8.31 22.31
CA PRO A 16 9.26 -9.49 22.04
C PRO A 16 10.74 -9.16 22.12
N LYS A 17 11.44 -9.98 22.90
CA LYS A 17 12.87 -9.85 23.13
C LYS A 17 13.60 -11.00 22.43
N ARG A 18 14.84 -10.75 22.03
CA ARG A 18 15.59 -11.73 21.27
C ARG A 18 15.60 -13.08 22.00
N GLY A 19 15.33 -14.14 21.22
CA GLY A 19 15.34 -15.48 21.77
C GLY A 19 13.99 -15.92 22.34
N GLN A 20 13.02 -15.02 22.48
CA GLN A 20 11.74 -15.45 23.03
C GLN A 20 10.94 -16.13 21.95
N THR A 21 10.03 -17.03 22.34
CA THR A 21 9.05 -17.57 21.41
C THR A 21 7.84 -16.63 21.34
N VAL A 22 7.57 -16.16 20.13
CA VAL A 22 6.53 -15.19 19.85
C VAL A 22 5.35 -15.96 19.29
N VAL A 23 4.17 -15.75 19.88
CA VAL A 23 2.98 -16.50 19.51
C VAL A 23 1.91 -15.54 19.00
N VAL A 24 1.47 -15.75 17.74
CA VAL A 24 0.60 -14.81 17.05
C VAL A 24 -0.52 -15.54 16.33
N HIS A 25 -1.58 -14.79 15.97
CA HIS A 25 -2.46 -15.18 14.86
C HIS A 25 -2.25 -14.17 13.75
N TYR A 26 -2.23 -14.66 12.50
CA TYR A 26 -2.02 -13.75 11.40
C TYR A 26 -2.89 -14.15 10.22
N THR A 27 -3.10 -13.17 9.32
CA THR A 27 -3.58 -13.40 7.98
C THR A 27 -2.63 -12.62 7.07
N GLY A 28 -2.16 -13.32 6.03
CA GLY A 28 -1.29 -12.75 5.02
C GLY A 28 -2.04 -12.54 3.72
N MET A 29 -1.85 -11.33 3.14
CA MET A 29 -2.49 -10.92 1.92
C MET A 29 -1.45 -10.34 0.95
N LEU A 30 -1.68 -10.51 -0.34
CA LEU A 30 -0.98 -9.73 -1.33
C LEU A 30 -1.53 -8.31 -1.32
N GLU A 31 -0.81 -7.42 -1.99
CA GLU A 31 -1.10 -6.00 -1.91
C GLU A 31 -2.47 -5.72 -2.53
N ASP A 32 -2.94 -6.58 -3.43
CA ASP A 32 -4.27 -6.41 -4.01
C ASP A 32 -5.37 -6.94 -3.10
N GLY A 33 -4.99 -7.54 -1.97
CA GLY A 33 -5.96 -7.95 -0.94
C GLY A 33 -6.26 -9.46 -0.98
N LYS A 34 -5.69 -10.21 -1.93
CA LYS A 34 -5.94 -11.65 -1.97
C LYS A 34 -5.22 -12.34 -0.81
N LYS A 35 -5.97 -13.02 0.05
CA LYS A 35 -5.41 -13.79 1.15
C LYS A 35 -4.63 -15.04 0.67
N PHE A 36 -3.41 -15.28 1.19
CA PHE A 36 -2.65 -16.45 0.79
C PHE A 36 -2.50 -17.45 1.95
N ASP A 37 -2.75 -17.01 3.19
CA ASP A 37 -2.53 -17.86 4.34
C ASP A 37 -3.07 -17.18 5.59
N SER A 38 -3.52 -18.00 6.54
CA SER A 38 -3.93 -17.53 7.84
C SER A 38 -3.73 -18.67 8.83
N SER A 39 -3.13 -18.36 9.99
CA SER A 39 -3.08 -19.29 11.11
C SER A 39 -4.47 -19.51 11.68
N ARG A 40 -5.38 -18.58 11.50
CA ARG A 40 -6.75 -18.79 12.00
C ARG A 40 -7.45 -19.95 11.28
N ASP A 41 -7.11 -20.16 10.03
CA ASP A 41 -7.65 -21.24 9.22
C ASP A 41 -7.21 -22.59 9.76
N ARG A 42 -6.05 -22.62 10.43
CA ARG A 42 -5.50 -23.85 11.00
C ARG A 42 -5.94 -24.02 12.46
N ASN A 43 -6.61 -22.99 13.03
CA ASN A 43 -7.10 -23.03 14.39
C ASN A 43 -5.95 -23.36 15.35
N LYS A 44 -4.79 -22.76 15.13
CA LYS A 44 -3.57 -23.11 15.84
C LYS A 44 -2.71 -21.86 15.76
N PRO A 45 -2.34 -21.21 16.87
CA PRO A 45 -1.48 -20.04 16.83
C PRO A 45 -0.15 -20.40 16.17
N PHE A 46 0.47 -19.43 15.50
CA PHE A 46 1.79 -19.56 14.90
C PHE A 46 2.86 -19.11 15.90
N LYS A 47 3.95 -19.87 16.01
CA LYS A 47 5.02 -19.55 16.94
C LYS A 47 6.32 -19.45 16.15
N PHE A 48 7.16 -18.49 16.54
CA PHE A 48 8.50 -18.39 15.99
C PHE A 48 9.41 -17.81 17.05
N MET A 49 10.71 -18.11 16.95
CA MET A 49 11.68 -17.65 17.91
C MET A 49 12.36 -16.41 17.32
N LEU A 50 12.21 -15.27 18.00
CA LEU A 50 12.73 -14.00 17.53
C LEU A 50 14.25 -14.11 17.51
N GLY A 51 14.82 -13.71 16.37
CA GLY A 51 16.24 -13.68 16.13
C GLY A 51 16.74 -14.92 15.37
N LYS A 52 15.92 -15.97 15.33
CA LYS A 52 16.33 -17.25 14.75
C LYS A 52 16.25 -17.20 13.22
N GLN A 53 15.53 -16.20 12.70
CA GLN A 53 15.30 -16.04 11.27
C GLN A 53 14.64 -17.28 10.69
N GLU A 54 13.61 -17.76 11.37
CA GLU A 54 12.72 -18.77 10.82
C GLU A 54 11.55 -18.09 10.09
N VAL A 55 11.55 -16.77 10.04
CA VAL A 55 10.54 -15.98 9.34
C VAL A 55 11.22 -14.89 8.54
N ILE A 56 10.47 -14.27 7.63
CA ILE A 56 11.01 -13.21 6.79
C ILE A 56 11.41 -11.99 7.60
N ARG A 57 12.36 -11.22 7.02
CA ARG A 57 12.98 -10.09 7.69
C ARG A 57 11.92 -9.11 8.21
N GLY A 58 10.88 -8.85 7.40
CA GLY A 58 9.91 -7.85 7.84
C GLY A 58 9.09 -8.29 9.05
N TRP A 59 8.92 -9.61 9.24
CA TRP A 59 8.37 -10.12 10.49
C TRP A 59 9.34 -9.94 11.67
N GLU A 60 10.61 -10.31 11.49
CA GLU A 60 11.57 -10.15 12.57
C GLU A 60 11.59 -8.69 13.06
N GLU A 61 11.66 -7.74 12.13
N GLU A 61 11.67 -7.74 12.12
CA GLU A 61 11.78 -6.34 12.47
CA GLU A 61 11.79 -6.32 12.46
C GLU A 61 10.43 -5.77 12.91
C GLU A 61 10.43 -5.77 12.91
N GLY A 62 9.36 -6.16 12.21
CA GLY A 62 8.03 -5.63 12.42
C GLY A 62 7.36 -6.11 13.70
N VAL A 63 7.35 -7.42 13.95
CA VAL A 63 6.62 -7.95 15.12
C VAL A 63 7.34 -7.55 16.41
N ALA A 64 8.63 -7.28 16.31
CA ALA A 64 9.41 -6.80 17.47
C ALA A 64 8.92 -5.43 17.97
N GLN A 65 8.19 -4.72 17.12
CA GLN A 65 7.69 -3.39 17.48
C GLN A 65 6.32 -3.46 18.14
N MET A 66 5.79 -4.67 18.31
CA MET A 66 4.44 -4.84 18.84
C MET A 66 4.51 -5.18 20.31
N SER A 67 3.52 -4.70 21.10
CA SER A 67 3.44 -5.08 22.50
C SER A 67 2.34 -6.12 22.67
N VAL A 68 2.41 -6.89 23.75
CA VAL A 68 1.59 -8.06 23.84
C VAL A 68 0.12 -7.65 23.84
N GLY A 69 -0.71 -8.32 23.04
CA GLY A 69 -2.11 -7.98 22.93
C GLY A 69 -2.39 -7.14 21.69
N GLN A 70 -1.36 -6.50 21.13
CA GLN A 70 -1.55 -5.56 20.05
C GLN A 70 -1.95 -6.32 18.80
N ARG A 71 -2.85 -5.70 18.02
CA ARG A 71 -3.09 -6.10 16.66
C ARG A 71 -2.54 -5.01 15.75
N ALA A 72 -1.75 -5.37 14.74
CA ALA A 72 -1.17 -4.43 13.81
C ALA A 72 -1.24 -4.95 12.37
N LYS A 73 -1.02 -4.02 11.45
CA LYS A 73 -0.82 -4.32 10.05
C LYS A 73 0.64 -4.12 9.72
N LEU A 74 1.26 -5.15 9.16
CA LEU A 74 2.63 -5.04 8.69
C LEU A 74 2.60 -5.01 7.17
N THR A 75 3.20 -3.97 6.58
CA THR A 75 3.32 -3.86 5.13
C THR A 75 4.80 -4.01 4.79
N ILE A 76 5.12 -5.04 3.97
CA ILE A 76 6.50 -5.47 3.83
C ILE A 76 6.86 -5.44 2.36
N SER A 77 7.91 -4.68 2.05
CA SER A 77 8.47 -4.63 0.71
C SER A 77 9.11 -5.96 0.33
N PRO A 78 9.20 -6.30 -0.97
CA PRO A 78 9.64 -7.64 -1.38
C PRO A 78 11.03 -7.99 -0.84
N ASP A 79 11.93 -7.02 -0.76
CA ASP A 79 13.27 -7.28 -0.27
C ASP A 79 13.29 -7.68 1.21
N TYR A 80 12.22 -7.38 1.96
CA TYR A 80 12.09 -7.83 3.35
C TYR A 80 11.14 -9.02 3.47
N ALA A 81 10.72 -9.56 2.32
CA ALA A 81 9.91 -10.76 2.21
C ALA A 81 10.60 -11.78 1.29
N TYR A 82 10.00 -12.07 0.13
CA TYR A 82 10.55 -13.09 -0.76
C TYR A 82 11.13 -12.55 -2.06
N GLY A 83 11.30 -11.22 -2.18
CA GLY A 83 12.13 -10.67 -3.23
C GLY A 83 11.63 -10.89 -4.66
N ALA A 84 12.61 -10.81 -5.57
CA ALA A 84 12.41 -10.94 -7.00
C ALA A 84 11.88 -12.32 -7.36
N THR A 85 12.36 -13.35 -6.69
CA THR A 85 11.93 -14.71 -7.00
C THR A 85 10.49 -14.97 -6.54
N GLY A 86 10.05 -14.35 -5.44
CA GLY A 86 8.85 -14.81 -4.76
C GLY A 86 9.10 -16.19 -4.18
N HIS A 87 8.01 -16.87 -3.82
CA HIS A 87 8.12 -18.19 -3.22
C HIS A 87 7.17 -19.12 -3.97
N PRO A 88 7.73 -20.23 -4.53
CA PRO A 88 6.98 -21.23 -5.27
C PRO A 88 5.63 -21.58 -4.67
N GLY A 89 4.62 -21.48 -5.54
CA GLY A 89 3.28 -21.89 -5.21
C GLY A 89 2.50 -20.91 -4.35
N ILE A 90 3.11 -19.83 -3.84
CA ILE A 90 2.34 -19.01 -2.90
C ILE A 90 2.56 -17.50 -3.10
N ILE A 91 3.79 -17.04 -3.27
CA ILE A 91 4.07 -15.62 -3.29
C ILE A 91 4.63 -15.25 -4.66
N PRO A 92 3.94 -14.38 -5.46
CA PRO A 92 4.49 -13.96 -6.74
C PRO A 92 5.81 -13.23 -6.65
N PRO A 93 6.56 -13.15 -7.77
CA PRO A 93 7.71 -12.26 -7.84
C PRO A 93 7.35 -10.83 -7.45
N HIS A 94 8.28 -10.14 -6.77
CA HIS A 94 8.20 -8.73 -6.48
C HIS A 94 6.90 -8.38 -5.71
N ALA A 95 6.48 -9.23 -4.78
CA ALA A 95 5.23 -9.04 -4.05
C ALA A 95 5.46 -8.28 -2.74
N THR A 96 4.77 -7.14 -2.59
CA THR A 96 4.65 -6.46 -1.32
C THR A 96 3.58 -7.23 -0.53
N LEU A 97 3.85 -7.56 0.74
CA LEU A 97 2.92 -8.41 1.48
C LEU A 97 2.35 -7.57 2.60
N VAL A 98 1.08 -7.83 2.92
CA VAL A 98 0.44 -7.17 4.04
C VAL A 98 -0.05 -8.24 4.99
N PHE A 99 0.32 -8.11 6.27
CA PHE A 99 -0.16 -9.06 7.26
C PHE A 99 -0.90 -8.35 8.40
N ASP A 100 -2.04 -8.92 8.74
CA ASP A 100 -2.70 -8.64 10.00
C ASP A 100 -2.13 -9.57 11.06
N VAL A 101 -1.49 -9.02 12.10
CA VAL A 101 -0.84 -9.84 13.11
C VAL A 101 -1.42 -9.42 14.46
N GLU A 102 -1.87 -10.40 15.25
CA GLU A 102 -2.19 -10.17 16.65
C GLU A 102 -1.20 -10.92 17.52
N LEU A 103 -0.52 -10.16 18.40
CA LEU A 103 0.49 -10.74 19.26
C LEU A 103 -0.21 -11.26 20.52
N LEU A 104 -0.24 -12.59 20.66
CA LEU A 104 -1.09 -13.24 21.66
C LEU A 104 -0.31 -13.36 22.96
N LYS A 105 0.93 -13.85 22.87
CA LYS A 105 1.71 -14.12 24.09
C LYS A 105 3.17 -14.32 23.72
N LEU A 106 3.98 -14.31 24.78
CA LEU A 106 5.40 -14.56 24.70
C LEU A 106 5.70 -15.75 25.61
N GLU A 107 6.52 -16.67 25.15
CA GLU A 107 6.99 -17.76 26.00
C GLU A 107 8.49 -18.04 25.74
N GLY B 1 -28.46 -6.82 -2.94
CA GLY B 1 -27.74 -5.87 -2.07
C GLY B 1 -26.23 -6.05 -2.17
N VAL B 2 -25.55 -5.65 -1.10
CA VAL B 2 -24.11 -5.71 -1.03
C VAL B 2 -23.73 -6.49 0.24
N GLN B 3 -22.90 -7.51 0.07
N GLN B 3 -22.89 -7.50 0.07
CA GLN B 3 -22.33 -8.26 1.17
CA GLN B 3 -22.33 -8.24 1.17
C GLN B 3 -20.91 -7.75 1.37
C GLN B 3 -20.91 -7.74 1.38
N VAL B 4 -20.55 -7.45 2.63
CA VAL B 4 -19.24 -6.94 2.99
C VAL B 4 -18.54 -8.02 3.83
N GLU B 5 -17.43 -8.55 3.31
CA GLU B 5 -16.61 -9.49 4.04
C GLU B 5 -15.34 -8.77 4.48
N THR B 6 -15.05 -8.75 5.77
CA THR B 6 -13.80 -8.13 6.22
C THR B 6 -12.69 -9.12 5.93
N ILE B 7 -11.64 -8.66 5.21
CA ILE B 7 -10.44 -9.43 4.99
C ILE B 7 -9.39 -9.13 6.06
N SER B 8 -9.21 -7.85 6.37
CA SER B 8 -8.41 -7.47 7.53
C SER B 8 -9.01 -6.22 8.16
N PRO B 9 -9.06 -6.14 9.50
CA PRO B 9 -9.75 -5.05 10.18
C PRO B 9 -9.10 -3.69 9.96
N GLY B 10 -9.95 -2.65 10.04
CA GLY B 10 -9.49 -1.29 10.15
C GLY B 10 -9.29 -0.89 11.61
N ASP B 11 -9.28 0.43 11.86
CA ASP B 11 -8.98 0.95 13.20
C ASP B 11 -10.18 0.81 14.12
N GLY B 12 -11.34 0.49 13.54
CA GLY B 12 -12.54 0.25 14.33
C GLY B 12 -13.14 1.51 14.94
N ARG B 13 -12.72 2.69 14.46
CA ARG B 13 -13.03 3.97 15.09
C ARG B 13 -13.48 5.01 14.06
N THR B 14 -12.77 5.04 12.92
CA THR B 14 -12.90 6.11 11.95
C THR B 14 -13.71 5.61 10.75
N PHE B 15 -15.00 5.95 10.68
CA PHE B 15 -15.88 5.47 9.61
C PHE B 15 -16.28 6.65 8.74
N PRO B 16 -16.67 6.39 7.46
CA PRO B 16 -17.11 7.46 6.59
C PRO B 16 -18.37 8.15 7.07
N LYS B 17 -18.35 9.48 6.93
CA LYS B 17 -19.47 10.35 7.20
C LYS B 17 -19.91 10.99 5.89
N ARG B 18 -21.22 11.20 5.70
CA ARG B 18 -21.71 11.81 4.48
C ARG B 18 -21.00 13.14 4.26
N GLY B 19 -20.56 13.37 3.01
CA GLY B 19 -19.90 14.63 2.68
C GLY B 19 -18.38 14.58 2.84
N GLN B 20 -17.85 13.52 3.46
CA GLN B 20 -16.41 13.35 3.49
C GLN B 20 -15.98 12.80 2.14
N THR B 21 -14.73 13.11 1.79
CA THR B 21 -14.10 12.50 0.64
C THR B 21 -13.46 11.19 1.09
N VAL B 22 -13.93 10.11 0.49
CA VAL B 22 -13.49 8.75 0.79
C VAL B 22 -12.37 8.41 -0.17
N VAL B 23 -11.24 7.94 0.38
CA VAL B 23 -10.09 7.60 -0.46
C VAL B 23 -9.79 6.10 -0.35
N VAL B 24 -9.83 5.39 -1.48
CA VAL B 24 -9.74 3.93 -1.49
C VAL B 24 -8.74 3.47 -2.54
N HIS B 25 -8.26 2.23 -2.35
CA HIS B 25 -7.70 1.44 -3.43
C HIS B 25 -8.63 0.25 -3.68
N TYR B 26 -8.86 -0.09 -4.94
CA TYR B 26 -9.78 -1.16 -5.24
C TYR B 26 -9.36 -1.97 -6.47
N THR B 27 -9.93 -3.19 -6.57
CA THR B 27 -9.92 -4.01 -7.76
C THR B 27 -11.35 -4.48 -8.00
N GLY B 28 -11.82 -4.36 -9.25
CA GLY B 28 -13.16 -4.79 -9.64
C GLY B 28 -13.11 -5.98 -10.57
N MET B 29 -13.95 -6.98 -10.23
CA MET B 29 -13.94 -8.29 -10.89
C MET B 29 -15.36 -8.73 -11.15
N LEU B 30 -15.52 -9.51 -12.20
CA LEU B 30 -16.75 -10.29 -12.40
C LEU B 30 -16.63 -11.60 -11.60
N GLU B 31 -17.74 -12.34 -11.56
CA GLU B 31 -17.82 -13.52 -10.73
C GLU B 31 -16.85 -14.61 -11.16
N ASP B 32 -16.42 -14.60 -12.40
CA ASP B 32 -15.47 -15.61 -12.85
C ASP B 32 -14.02 -15.20 -12.56
N GLY B 33 -13.85 -14.02 -12.01
CA GLY B 33 -12.52 -13.53 -11.65
C GLY B 33 -11.91 -12.62 -12.72
N LYS B 34 -12.61 -12.39 -13.85
CA LYS B 34 -12.18 -11.40 -14.82
C LYS B 34 -12.07 -9.99 -14.22
N LYS B 35 -10.89 -9.40 -14.30
CA LYS B 35 -10.70 -8.11 -13.68
C LYS B 35 -11.00 -7.04 -14.72
N PHE B 36 -11.78 -6.02 -14.35
CA PHE B 36 -12.06 -4.93 -15.30
C PHE B 36 -11.47 -3.59 -14.87
N ASP B 37 -11.00 -3.43 -13.63
CA ASP B 37 -10.50 -2.13 -13.20
C ASP B 37 -9.69 -2.37 -11.93
N SER B 38 -8.67 -1.54 -11.76
CA SER B 38 -7.86 -1.52 -10.56
C SER B 38 -7.18 -0.17 -10.41
N SER B 39 -7.40 0.49 -9.30
CA SER B 39 -6.70 1.72 -8.93
C SER B 39 -5.23 1.42 -8.63
N ARG B 40 -4.92 0.21 -8.22
CA ARG B 40 -3.54 -0.15 -7.92
C ARG B 40 -2.74 -0.27 -9.22
N ASP B 41 -3.35 -0.71 -10.33
CA ASP B 41 -2.59 -0.87 -11.54
C ASP B 41 -2.15 0.49 -12.09
N ARG B 42 -2.89 1.55 -11.77
CA ARG B 42 -2.52 2.90 -12.18
C ARG B 42 -1.84 3.69 -11.06
N ASN B 43 -1.57 3.01 -9.94
CA ASN B 43 -0.91 3.60 -8.78
C ASN B 43 -1.54 4.93 -8.39
N LYS B 44 -2.87 4.94 -8.30
CA LYS B 44 -3.54 6.18 -8.00
C LYS B 44 -4.78 5.94 -7.16
N PRO B 45 -4.79 6.31 -5.86
CA PRO B 45 -6.00 6.16 -5.03
C PRO B 45 -7.19 6.84 -5.66
N PHE B 46 -8.36 6.23 -5.49
CA PHE B 46 -9.61 6.69 -6.07
C PHE B 46 -10.40 7.42 -4.97
N LYS B 47 -11.05 8.54 -5.32
CA LYS B 47 -11.81 9.31 -4.36
C LYS B 47 -13.25 9.49 -4.82
N PHE B 48 -14.17 9.48 -3.84
CA PHE B 48 -15.55 9.83 -4.08
C PHE B 48 -16.10 10.46 -2.82
N MET B 49 -17.17 11.23 -2.98
CA MET B 49 -17.77 11.91 -1.85
C MET B 49 -18.97 11.06 -1.42
N LEU B 50 -18.95 10.66 -0.14
CA LEU B 50 -20.02 9.79 0.34
C LEU B 50 -21.34 10.56 0.29
N GLY B 51 -22.36 9.92 -0.29
CA GLY B 51 -23.72 10.42 -0.30
C GLY B 51 -24.07 11.16 -1.58
N LYS B 52 -23.07 11.45 -2.40
CA LYS B 52 -23.30 12.24 -3.60
C LYS B 52 -23.83 11.35 -4.72
N GLN B 53 -23.84 10.02 -4.52
CA GLN B 53 -24.23 9.07 -5.56
C GLN B 53 -23.42 9.22 -6.85
N GLU B 54 -22.12 9.44 -6.69
CA GLU B 54 -21.17 9.43 -7.79
C GLU B 54 -20.73 8.00 -8.11
N VAL B 55 -21.16 7.02 -7.30
CA VAL B 55 -20.73 5.64 -7.46
C VAL B 55 -21.92 4.75 -7.24
N ILE B 56 -21.80 3.48 -7.62
CA ILE B 56 -22.90 2.53 -7.51
C ILE B 56 -23.34 2.36 -6.05
N ARG B 57 -24.59 1.96 -5.88
CA ARG B 57 -25.23 1.89 -4.58
C ARG B 57 -24.51 0.89 -3.68
N GLY B 58 -24.00 -0.22 -4.22
CA GLY B 58 -23.24 -1.19 -3.45
C GLY B 58 -22.00 -0.60 -2.78
N TRP B 59 -21.34 0.34 -3.47
CA TRP B 59 -20.24 1.13 -2.93
C TRP B 59 -20.72 2.09 -1.85
N GLU B 60 -21.80 2.85 -2.14
CA GLU B 60 -22.30 3.81 -1.15
C GLU B 60 -22.60 3.08 0.16
N GLU B 61 -23.31 1.96 0.09
CA GLU B 61 -23.72 1.24 1.30
C GLU B 61 -22.58 0.40 1.88
N GLY B 62 -21.76 -0.21 1.01
CA GLY B 62 -20.71 -1.11 1.45
C GLY B 62 -19.50 -0.39 2.05
N VAL B 63 -19.00 0.65 1.37
CA VAL B 63 -17.78 1.30 1.88
C VAL B 63 -18.08 2.04 3.18
N ALA B 64 -19.34 2.49 3.35
CA ALA B 64 -19.74 3.17 4.57
C ALA B 64 -19.60 2.28 5.81
N GLN B 65 -19.51 0.97 5.61
CA GLN B 65 -19.40 0.05 6.72
C GLN B 65 -17.94 -0.24 7.08
N MET B 66 -17.00 0.42 6.39
CA MET B 66 -15.58 0.15 6.59
C MET B 66 -14.97 1.24 7.48
N SER B 67 -13.94 0.87 8.24
CA SER B 67 -13.16 1.81 9.01
C SER B 67 -11.80 1.96 8.35
N VAL B 68 -11.12 3.06 8.66
CA VAL B 68 -9.91 3.39 7.93
C VAL B 68 -8.90 2.29 8.17
N GLY B 69 -8.24 1.88 7.08
CA GLY B 69 -7.28 0.79 7.12
C GLY B 69 -7.88 -0.56 6.77
N GLN B 70 -9.20 -0.68 6.82
CA GLN B 70 -9.83 -1.96 6.59
C GLN B 70 -9.65 -2.42 5.13
N ARG B 71 -9.45 -3.73 4.94
CA ARG B 71 -9.60 -4.37 3.64
C ARG B 71 -10.84 -5.26 3.66
N ALA B 72 -11.71 -5.09 2.65
CA ALA B 72 -12.95 -5.83 2.59
C ALA B 72 -13.21 -6.31 1.16
N LYS B 73 -14.07 -7.32 1.08
CA LYS B 73 -14.52 -7.78 -0.21
C LYS B 73 -16.02 -7.51 -0.30
N LEU B 74 -16.42 -6.80 -1.34
CA LEU B 74 -17.81 -6.44 -1.52
C LEU B 74 -18.35 -7.26 -2.67
N THR B 75 -19.45 -7.98 -2.42
CA THR B 75 -20.17 -8.68 -3.47
C THR B 75 -21.50 -7.98 -3.70
N ILE B 76 -21.74 -7.49 -4.93
CA ILE B 76 -22.77 -6.52 -5.21
C ILE B 76 -23.67 -7.05 -6.28
N SER B 77 -24.96 -7.17 -5.93
CA SER B 77 -25.96 -7.66 -6.85
C SER B 77 -26.21 -6.59 -7.90
N PRO B 78 -26.72 -6.96 -9.10
CA PRO B 78 -26.88 -6.00 -10.20
C PRO B 78 -27.74 -4.79 -9.85
N ASP B 79 -28.78 -4.98 -9.00
CA ASP B 79 -29.66 -3.87 -8.68
C ASP B 79 -28.95 -2.82 -7.84
N TYR B 80 -27.81 -3.19 -7.22
CA TYR B 80 -26.98 -2.25 -6.48
C TYR B 80 -25.72 -1.88 -7.29
N ALA B 81 -25.71 -2.24 -8.56
CA ALA B 81 -24.63 -1.92 -9.48
C ALA B 81 -25.22 -1.25 -10.74
N TYR B 82 -25.16 -1.89 -11.91
CA TYR B 82 -25.51 -1.25 -13.18
C TYR B 82 -26.83 -1.75 -13.77
N GLY B 83 -27.58 -2.57 -13.00
CA GLY B 83 -28.90 -3.02 -13.36
C GLY B 83 -28.97 -3.74 -14.72
N ALA B 84 -30.17 -3.67 -15.33
CA ALA B 84 -30.47 -4.43 -16.55
C ALA B 84 -29.55 -3.99 -17.68
N THR B 85 -29.31 -2.68 -17.79
CA THR B 85 -28.57 -2.15 -18.93
C THR B 85 -27.09 -2.50 -18.85
N GLY B 86 -26.51 -2.66 -17.64
CA GLY B 86 -25.07 -2.85 -17.57
C GLY B 86 -24.36 -1.59 -18.03
N HIS B 87 -23.12 -1.73 -18.50
CA HIS B 87 -22.42 -0.62 -19.11
C HIS B 87 -21.85 -1.22 -20.37
N PRO B 88 -22.49 -1.01 -21.53
CA PRO B 88 -22.16 -1.80 -22.73
C PRO B 88 -20.68 -1.83 -23.05
N GLY B 89 -20.19 -3.05 -23.25
CA GLY B 89 -18.80 -3.26 -23.60
C GLY B 89 -17.85 -3.38 -22.40
N ILE B 90 -18.35 -3.12 -21.19
CA ILE B 90 -17.52 -3.22 -19.98
C ILE B 90 -18.21 -4.09 -18.93
N ILE B 91 -19.41 -3.70 -18.50
CA ILE B 91 -20.15 -4.42 -17.47
C ILE B 91 -21.37 -5.04 -18.15
N PRO B 92 -21.48 -6.39 -18.21
CA PRO B 92 -22.61 -6.99 -18.89
C PRO B 92 -23.94 -6.70 -18.18
N PRO B 93 -25.06 -6.82 -18.91
CA PRO B 93 -26.38 -6.72 -18.28
C PRO B 93 -26.50 -7.61 -17.05
N HIS B 94 -27.17 -7.08 -16.02
CA HIS B 94 -27.37 -7.81 -14.77
C HIS B 94 -26.11 -8.52 -14.24
N ALA B 95 -24.98 -7.79 -14.16
CA ALA B 95 -23.75 -8.38 -13.65
C ALA B 95 -23.64 -8.25 -12.13
N THR B 96 -23.32 -9.36 -11.46
CA THR B 96 -22.84 -9.33 -10.09
C THR B 96 -21.37 -8.94 -10.09
N LEU B 97 -20.97 -7.98 -9.24
CA LEU B 97 -19.61 -7.48 -9.22
C LEU B 97 -18.98 -7.80 -7.87
N VAL B 98 -17.68 -8.04 -7.88
CA VAL B 98 -16.93 -8.31 -6.67
C VAL B 98 -15.79 -7.33 -6.63
N PHE B 99 -15.63 -6.66 -5.49
CA PHE B 99 -14.55 -5.72 -5.33
C PHE B 99 -13.72 -6.03 -4.10
N ASP B 100 -12.41 -5.95 -4.27
CA ASP B 100 -11.54 -5.82 -3.10
C ASP B 100 -11.34 -4.32 -2.87
N VAL B 101 -11.66 -3.85 -1.65
CA VAL B 101 -11.53 -2.44 -1.34
C VAL B 101 -10.69 -2.27 -0.09
N GLU B 102 -9.76 -1.31 -0.13
CA GLU B 102 -9.09 -0.82 1.06
C GLU B 102 -9.48 0.64 1.30
N LEU B 103 -9.91 0.96 2.51
CA LEU B 103 -10.23 2.34 2.88
C LEU B 103 -8.94 2.99 3.39
N LEU B 104 -8.38 3.91 2.63
CA LEU B 104 -7.07 4.49 2.93
C LEU B 104 -7.19 5.66 3.91
N LYS B 105 -8.13 6.55 3.65
CA LYS B 105 -8.30 7.74 4.49
C LYS B 105 -9.61 8.46 4.16
N LEU B 106 -9.95 9.38 5.05
CA LEU B 106 -11.08 10.26 4.93
C LEU B 106 -10.55 11.70 4.97
N GLU B 107 -10.99 12.49 4.01
CA GLU B 107 -10.58 13.89 3.88
C GLU B 107 -11.81 14.80 3.69
N GLY C 1 5.33 11.89 4.80
CA GLY C 1 6.62 11.31 4.38
C GLY C 1 6.60 11.05 2.88
N VAL C 2 7.10 9.88 2.48
CA VAL C 2 7.16 9.50 1.07
C VAL C 2 6.55 8.11 0.92
N GLN C 3 5.60 7.99 -0.01
CA GLN C 3 5.06 6.71 -0.42
C GLN C 3 5.73 6.33 -1.73
N VAL C 4 6.24 5.08 -1.84
CA VAL C 4 6.89 4.60 -3.06
C VAL C 4 6.04 3.48 -3.66
N GLU C 5 5.51 3.68 -4.87
CA GLU C 5 4.69 2.66 -5.50
C GLU C 5 5.39 2.22 -6.76
N THR C 6 5.47 0.92 -6.97
CA THR C 6 6.14 0.38 -8.13
C THR C 6 5.24 0.55 -9.35
N ILE C 7 5.81 1.10 -10.43
CA ILE C 7 5.24 1.08 -11.76
C ILE C 7 5.74 -0.13 -12.54
N SER C 8 7.07 -0.36 -12.54
CA SER C 8 7.54 -1.65 -12.98
C SER C 8 8.78 -2.02 -12.16
N PRO C 9 8.91 -3.30 -11.75
CA PRO C 9 9.93 -3.66 -10.76
C PRO C 9 11.35 -3.49 -11.28
N GLY C 10 12.28 -3.23 -10.35
CA GLY C 10 13.69 -3.33 -10.65
C GLY C 10 14.20 -4.75 -10.39
N ASP C 11 15.47 -4.86 -9.95
CA ASP C 11 15.99 -6.17 -9.64
C ASP C 11 15.50 -6.62 -8.27
N GLY C 12 14.99 -5.66 -7.53
CA GLY C 12 14.37 -5.94 -6.23
C GLY C 12 15.40 -6.08 -5.11
N ARG C 13 16.72 -5.93 -5.38
CA ARG C 13 17.75 -6.21 -4.39
C ARG C 13 18.83 -5.15 -4.31
N THR C 14 19.07 -4.39 -5.39
CA THR C 14 20.20 -3.48 -5.42
C THR C 14 19.71 -2.05 -5.19
N PHE C 15 19.87 -1.57 -3.96
CA PHE C 15 19.36 -0.29 -3.53
C PHE C 15 20.55 0.64 -3.38
N PRO C 16 20.36 1.92 -3.74
CA PRO C 16 21.40 2.92 -3.66
C PRO C 16 21.92 3.11 -2.24
N LYS C 17 23.23 3.25 -2.12
CA LYS C 17 23.79 3.63 -0.82
C LYS C 17 24.61 4.94 -0.98
N ARG C 18 24.90 5.54 0.16
CA ARG C 18 25.84 6.66 0.24
C ARG C 18 27.12 6.34 -0.52
N GLY C 19 27.55 7.37 -1.24
CA GLY C 19 28.76 7.31 -2.03
C GLY C 19 28.51 6.91 -3.49
N GLN C 20 27.34 6.34 -3.76
CA GLN C 20 27.07 5.94 -5.13
C GLN C 20 26.48 7.14 -5.86
N THR C 21 26.77 7.18 -7.17
CA THR C 21 26.07 8.09 -8.06
C THR C 21 24.82 7.37 -8.54
N VAL C 22 23.68 8.00 -8.29
CA VAL C 22 22.40 7.50 -8.76
C VAL C 22 22.05 8.20 -10.06
N VAL C 23 21.68 7.45 -11.09
CA VAL C 23 21.29 8.04 -12.36
C VAL C 23 19.81 7.72 -12.63
N VAL C 24 18.99 8.77 -12.81
CA VAL C 24 17.56 8.58 -12.94
C VAL C 24 17.01 9.37 -14.13
N HIS C 25 15.84 8.94 -14.61
CA HIS C 25 14.96 9.80 -15.36
C HIS C 25 13.74 10.07 -14.50
N TYR C 26 13.22 11.29 -14.53
CA TYR C 26 12.05 11.61 -13.72
C TYR C 26 11.14 12.62 -14.43
N THR C 27 9.88 12.62 -13.96
CA THR C 27 8.91 13.66 -14.21
C THR C 27 8.36 14.10 -12.85
N GLY C 28 8.35 15.41 -12.63
CA GLY C 28 7.86 16.06 -11.42
C GLY C 28 6.53 16.72 -11.72
N MET C 29 5.53 16.41 -10.88
CA MET C 29 4.20 16.92 -11.02
C MET C 29 3.67 17.42 -9.69
N LEU C 30 2.74 18.36 -9.77
CA LEU C 30 1.94 18.73 -8.62
C LEU C 30 0.89 17.67 -8.38
N GLU C 31 0.13 17.83 -7.29
CA GLU C 31 -0.81 16.83 -6.87
C GLU C 31 -1.90 16.58 -7.93
N ASP C 32 -2.19 17.61 -8.72
CA ASP C 32 -3.19 17.53 -9.74
C ASP C 32 -2.66 16.89 -11.02
N GLY C 33 -1.36 16.54 -11.05
CA GLY C 33 -0.75 15.86 -12.18
C GLY C 33 -0.11 16.82 -13.21
N LYS C 34 -0.12 18.13 -12.93
CA LYS C 34 0.43 19.10 -13.87
C LYS C 34 1.95 18.94 -13.76
N LYS C 35 2.60 18.67 -14.91
CA LYS C 35 4.05 18.57 -14.96
C LYS C 35 4.75 19.93 -14.74
N PHE C 36 5.84 19.99 -13.93
CA PHE C 36 6.66 21.19 -13.83
C PHE C 36 8.11 20.92 -14.27
N ASP C 37 8.54 19.66 -14.38
CA ASP C 37 9.90 19.30 -14.80
C ASP C 37 9.91 17.88 -15.32
N SER C 38 10.81 17.60 -16.27
CA SER C 38 11.01 16.29 -16.86
C SER C 38 12.40 16.21 -17.45
N SER C 39 13.20 15.26 -16.97
CA SER C 39 14.51 14.96 -17.52
C SER C 39 14.39 14.30 -18.86
N ARG C 40 13.29 13.58 -19.10
CA ARG C 40 13.08 12.93 -20.40
C ARG C 40 12.92 13.95 -21.51
N ASP C 41 12.25 15.07 -21.20
CA ASP C 41 11.96 16.08 -22.21
C ASP C 41 13.24 16.77 -22.66
N ARG C 42 14.25 16.80 -21.79
CA ARG C 42 15.52 17.39 -22.18
C ARG C 42 16.56 16.34 -22.59
N ASN C 43 16.15 15.09 -22.70
CA ASN C 43 17.02 13.98 -23.08
C ASN C 43 18.29 13.95 -22.25
N LYS C 44 18.15 14.12 -20.95
CA LYS C 44 19.32 14.26 -20.09
C LYS C 44 19.08 13.57 -18.78
N PRO C 45 19.63 12.34 -18.53
CA PRO C 45 19.49 11.72 -17.22
C PRO C 45 20.02 12.63 -16.12
N PHE C 46 19.39 12.57 -14.96
CA PHE C 46 19.76 13.36 -13.79
C PHE C 46 20.61 12.50 -12.86
N LYS C 47 21.73 13.05 -12.40
CA LYS C 47 22.58 12.29 -11.50
C LYS C 47 22.69 13.02 -10.17
N PHE C 48 22.65 12.22 -9.10
CA PHE C 48 22.87 12.79 -7.77
C PHE C 48 23.49 11.74 -6.86
N MET C 49 24.06 12.22 -5.72
CA MET C 49 24.47 11.33 -4.65
C MET C 49 23.58 11.50 -3.41
N LEU C 50 23.26 10.37 -2.77
CA LEU C 50 22.40 10.36 -1.58
C LEU C 50 23.12 11.10 -0.45
N GLY C 51 22.34 11.93 0.27
CA GLY C 51 22.73 12.49 1.55
C GLY C 51 23.62 13.72 1.44
N LYS C 52 23.55 14.40 0.27
CA LYS C 52 24.41 15.56 0.02
C LYS C 52 23.61 16.86 -0.21
N GLN C 53 22.35 16.92 0.21
CA GLN C 53 21.47 18.07 -0.01
C GLN C 53 21.35 18.44 -1.48
N GLU C 54 21.31 17.43 -2.34
CA GLU C 54 21.21 17.68 -3.77
C GLU C 54 19.75 17.58 -4.16
N VAL C 55 18.93 16.90 -3.35
CA VAL C 55 17.54 16.64 -3.70
C VAL C 55 16.74 16.72 -2.42
N ILE C 56 15.44 16.90 -2.55
CA ILE C 56 14.52 16.97 -1.41
C ILE C 56 14.57 15.68 -0.59
N ARG C 57 14.19 15.81 0.70
CA ARG C 57 14.18 14.69 1.64
C ARG C 57 13.35 13.50 1.13
N GLY C 58 12.28 13.77 0.39
CA GLY C 58 11.45 12.68 -0.09
C GLY C 58 12.14 11.81 -1.13
N TRP C 59 13.02 12.42 -1.91
CA TRP C 59 13.91 11.70 -2.82
C TRP C 59 14.99 10.96 -2.06
N GLU C 60 15.61 11.61 -1.06
CA GLU C 60 16.60 10.96 -0.20
C GLU C 60 16.03 9.62 0.29
N GLU C 61 14.85 9.66 0.91
CA GLU C 61 14.28 8.48 1.53
C GLU C 61 13.61 7.56 0.50
N GLY C 62 12.97 8.14 -0.52
CA GLY C 62 12.23 7.37 -1.51
C GLY C 62 13.10 6.65 -2.53
N VAL C 63 14.13 7.29 -3.08
CA VAL C 63 14.99 6.64 -4.05
C VAL C 63 15.86 5.57 -3.37
N ALA C 64 16.18 5.75 -2.10
CA ALA C 64 16.87 4.72 -1.33
C ALA C 64 16.07 3.42 -1.25
N GLN C 65 14.75 3.50 -1.49
CA GLN C 65 13.88 2.33 -1.43
C GLN C 65 13.60 1.78 -2.82
N MET C 66 14.27 2.31 -3.85
CA MET C 66 14.15 1.85 -5.20
C MET C 66 15.36 1.00 -5.56
N SER C 67 15.13 0.02 -6.43
CA SER C 67 16.21 -0.84 -6.90
C SER C 67 16.52 -0.53 -8.36
N VAL C 68 17.71 -0.96 -8.79
CA VAL C 68 18.17 -0.65 -10.13
C VAL C 68 17.19 -1.23 -11.15
N GLY C 69 16.77 -0.40 -12.10
CA GLY C 69 15.84 -0.77 -13.14
C GLY C 69 14.39 -0.44 -12.80
N GLN C 70 14.15 -0.10 -11.53
CA GLN C 70 12.77 0.12 -11.10
C GLN C 70 12.25 1.44 -11.64
N ARG C 71 10.97 1.43 -12.03
CA ARG C 71 10.20 2.65 -12.23
C ARG C 71 9.16 2.75 -11.12
N ALA C 72 9.10 3.90 -10.42
CA ALA C 72 8.24 4.07 -9.29
C ALA C 72 7.56 5.43 -9.31
N LYS C 73 6.49 5.51 -8.56
CA LYS C 73 5.81 6.75 -8.30
C LYS C 73 6.09 7.11 -6.84
N LEU C 74 6.61 8.30 -6.63
CA LEU C 74 6.84 8.78 -5.28
C LEU C 74 5.85 9.89 -5.00
N THR C 75 5.08 9.74 -3.92
CA THR C 75 4.20 10.78 -3.42
C THR C 75 4.82 11.37 -2.13
N ILE C 76 5.16 12.66 -2.15
CA ILE C 76 6.00 13.28 -1.13
C ILE C 76 5.23 14.42 -0.44
N SER C 77 5.17 14.38 0.89
CA SER C 77 4.46 15.37 1.66
C SER C 77 5.30 16.65 1.73
N PRO C 78 4.72 17.82 2.01
CA PRO C 78 5.47 19.08 2.02
C PRO C 78 6.66 19.09 2.98
N ASP C 79 6.54 18.44 4.13
CA ASP C 79 7.61 18.37 5.11
C ASP C 79 8.86 17.70 4.54
N TYR C 80 8.67 16.89 3.49
CA TYR C 80 9.72 16.14 2.83
C TYR C 80 10.06 16.76 1.48
N ALA C 81 9.51 17.95 1.19
CA ALA C 81 9.74 18.61 -0.08
C ALA C 81 10.12 20.07 0.14
N TYR C 82 9.24 21.02 -0.22
CA TYR C 82 9.56 22.44 -0.09
C TYR C 82 8.77 23.15 1.01
N GLY C 83 8.07 22.39 1.86
CA GLY C 83 7.47 22.88 3.10
C GLY C 83 6.55 24.11 2.95
N ALA C 84 6.50 24.94 3.99
CA ALA C 84 5.55 26.06 4.08
C ALA C 84 5.77 27.08 2.99
N THR C 85 7.02 27.39 2.68
CA THR C 85 7.24 28.44 1.68
C THR C 85 7.02 27.95 0.26
N GLY C 86 7.21 26.66 -0.01
CA GLY C 86 7.19 26.20 -1.40
C GLY C 86 8.38 26.79 -2.15
N HIS C 87 8.25 26.87 -3.47
CA HIS C 87 9.20 27.61 -4.28
C HIS C 87 8.37 28.54 -5.15
N PRO C 88 8.17 29.81 -4.76
CA PRO C 88 7.20 30.70 -5.44
C PRO C 88 7.30 30.69 -6.97
N GLY C 89 6.16 30.44 -7.61
CA GLY C 89 6.05 30.37 -9.05
C GLY C 89 6.15 28.95 -9.62
N ILE C 90 6.63 28.00 -8.81
CA ILE C 90 6.86 26.64 -9.29
C ILE C 90 6.19 25.63 -8.36
N ILE C 91 6.58 25.64 -7.08
CA ILE C 91 6.04 24.68 -6.13
C ILE C 91 5.17 25.47 -5.13
N PRO C 92 3.85 25.20 -5.01
CA PRO C 92 3.00 25.94 -4.08
C PRO C 92 3.45 25.78 -2.64
N PRO C 93 3.09 26.74 -1.77
CA PRO C 93 3.17 26.49 -0.33
C PRO C 93 2.46 25.19 0.04
N HIS C 94 3.04 24.45 1.00
CA HIS C 94 2.40 23.27 1.56
C HIS C 94 2.06 22.22 0.47
N ALA C 95 2.87 22.09 -0.59
CA ALA C 95 2.52 21.20 -1.70
C ALA C 95 2.98 19.75 -1.46
N THR C 96 2.06 18.84 -1.74
CA THR C 96 2.39 17.44 -1.97
C THR C 96 2.90 17.27 -3.40
N LEU C 97 4.04 16.61 -3.62
CA LEU C 97 4.57 16.42 -4.97
C LEU C 97 4.49 14.95 -5.38
N VAL C 98 4.32 14.71 -6.68
CA VAL C 98 4.28 13.37 -7.21
C VAL C 98 5.36 13.27 -8.28
N PHE C 99 6.22 12.24 -8.18
CA PHE C 99 7.23 12.04 -9.19
C PHE C 99 7.14 10.62 -9.76
N ASP C 100 7.34 10.51 -11.08
CA ASP C 100 7.57 9.25 -11.76
C ASP C 100 9.07 9.16 -11.96
N VAL C 101 9.73 8.22 -11.28
CA VAL C 101 11.19 8.11 -11.33
C VAL C 101 11.57 6.72 -11.86
N GLU C 102 12.56 6.64 -12.74
CA GLU C 102 13.18 5.40 -13.15
C GLU C 102 14.66 5.39 -12.75
N LEU C 103 15.08 4.36 -12.02
CA LEU C 103 16.47 4.23 -11.61
C LEU C 103 17.22 3.51 -12.72
N LEU C 104 17.99 4.28 -13.48
CA LEU C 104 18.62 3.84 -14.72
C LEU C 104 19.83 2.97 -14.44
N LYS C 105 20.67 3.45 -13.50
CA LYS C 105 21.90 2.76 -13.17
C LYS C 105 22.49 3.37 -11.90
N LEU C 106 23.40 2.61 -11.29
CA LEU C 106 24.24 3.08 -10.19
C LEU C 106 25.67 3.08 -10.67
N GLU C 107 26.41 4.17 -10.41
CA GLU C 107 27.81 4.27 -10.79
C GLU C 107 28.62 4.88 -9.62
#